data_7QBL
#
_entry.id   7QBL
#
_cell.length_a   70.737
_cell.length_b   78.753
_cell.length_c   31.070
_cell.angle_alpha   90.000
_cell.angle_beta   90.000
_cell.angle_gamma   90.000
#
_symmetry.space_group_name_H-M   'P 21 21 2'
#
loop_
_entity.id
_entity.type
_entity.pdbx_description
1 polymer 'Cathepsin K'
2 non-polymer '~{tert}-butyl ~{N}-[iminomethyl-[2-[methyl-(phenylmethyl)amino]-2-oxidanylidene-ethyl]amino]carbamate'
3 water water
#
_entity_poly.entity_id   1
_entity_poly.type   'polypeptide(L)'
_entity_poly.pdbx_seq_one_letter_code
;APDSVDYRKKGYVTPVKNQGQCGSCWAFSSVGALEGQLKKKTGKLLNLSPQNLVDCVSENDGCGGGYMTNAFQYVQKNRG
IDSEDAYPYVGQEESCMYNPTGKAAKCRGYREIPEGNEKALKRAVARVGPVSVAIDASLTSFQFYSKGVYYDESCNSDNL
NHAVLAVGYGIQKGNKHWIIKNSWGENWGNKGYILMARNKNNACGIANLASFPKM
;
_entity_poly.pdbx_strand_id   A
#
# COMPACT_ATOMS: atom_id res chain seq x y z
N ALA A 1 0.20 -15.60 15.66
CA ALA A 1 -0.28 -14.24 15.17
C ALA A 1 -1.71 -13.99 15.62
N PRO A 2 -2.13 -12.76 15.94
CA PRO A 2 -3.52 -12.52 16.34
C PRO A 2 -4.50 -12.85 15.22
N ASP A 3 -5.76 -13.05 15.56
CA ASP A 3 -6.81 -13.51 14.61
C ASP A 3 -7.34 -12.29 13.82
N SER A 4 -7.43 -11.11 14.45
CA SER A 4 -7.71 -9.84 13.73
C SER A 4 -6.71 -8.77 14.16
N VAL A 5 -6.46 -7.80 13.28
CA VAL A 5 -5.45 -6.72 13.47
C VAL A 5 -5.94 -5.55 12.61
N ASP A 6 -6.06 -4.36 13.19
CA ASP A 6 -6.42 -3.15 12.43
C ASP A 6 -5.55 -1.98 12.93
N TYR A 7 -4.67 -1.50 12.06
CA TYR A 7 -3.59 -0.53 12.35
C TYR A 7 -4.13 0.90 12.32
N ARG A 8 -5.35 1.07 11.84
CA ARG A 8 -6.10 2.35 11.89
C ARG A 8 -6.43 2.64 13.37
N LYS A 9 -6.84 1.61 14.12
CA LYS A 9 -7.13 1.68 15.57
C LYS A 9 -5.84 2.01 16.35
N LYS A 10 -4.63 1.78 15.81
CA LYS A 10 -3.35 2.14 16.47
C LYS A 10 -2.81 3.47 15.92
N GLY A 11 -3.56 4.12 15.03
CA GLY A 11 -3.16 5.35 14.32
C GLY A 11 -1.88 5.16 13.50
N TYR A 12 -1.73 4.05 12.75
CA TYR A 12 -0.59 3.82 11.82
C TYR A 12 -0.95 4.28 10.40
N VAL A 13 -2.12 4.89 10.18
CA VAL A 13 -2.81 4.96 8.85
C VAL A 13 -3.30 6.37 8.60
N THR A 14 -2.71 7.03 7.60
CA THR A 14 -3.07 8.40 7.17
C THR A 14 -4.43 8.35 6.51
N PRO A 15 -5.10 9.50 6.31
CA PRO A 15 -6.34 9.52 5.54
C PRO A 15 -6.16 8.99 4.11
N VAL A 16 -7.20 8.37 3.58
CA VAL A 16 -7.32 7.90 2.17
C VAL A 16 -6.95 9.05 1.22
N LYS A 17 -6.08 8.79 0.24
CA LYS A 17 -5.68 9.80 -0.79
C LYS A 17 -6.35 9.45 -2.13
N ASN A 18 -6.20 10.35 -3.10
CA ASN A 18 -6.76 10.18 -4.46
C ASN A 18 -5.65 10.46 -5.47
N GLN A 19 -5.16 9.41 -6.15
CA GLN A 19 -3.98 9.42 -7.06
C GLN A 19 -4.32 10.22 -8.31
N GLY A 20 -5.62 10.36 -8.59
CA GLY A 20 -6.13 11.11 -9.75
C GLY A 20 -6.02 10.26 -11.00
N GLN A 21 -5.77 10.90 -12.12
CA GLN A 21 -5.78 10.29 -13.49
C GLN A 21 -4.38 9.76 -13.79
N CYS A 22 -3.56 9.58 -12.75
CA CYS A 22 -2.12 9.22 -12.82
C CYS A 22 -1.93 7.84 -12.15
N GLY A 23 -1.20 6.93 -12.83
CA GLY A 23 -1.03 5.52 -12.44
C GLY A 23 0.04 5.32 -11.40
N SER A 24 -0.13 6.02 -10.29
CA SER A 24 0.88 6.14 -9.20
C SER A 24 0.43 5.34 -7.97
N CYS A 25 -0.53 4.40 -8.11
CA CYS A 25 -1.02 3.55 -6.99
C CYS A 25 0.19 3.03 -6.21
N TRP A 26 1.23 2.57 -6.91
CA TRP A 26 2.49 1.99 -6.31
C TRP A 26 3.15 3.00 -5.37
N ALA A 27 3.11 4.28 -5.72
CA ALA A 27 3.71 5.32 -4.88
C ALA A 27 2.82 5.58 -3.65
N PHE A 28 1.50 5.55 -3.78
CA PHE A 28 0.61 5.67 -2.59
C PHE A 28 0.86 4.45 -1.68
N SER A 29 0.91 3.27 -2.29
CA SER A 29 1.09 1.98 -1.58
C SER A 29 2.38 2.04 -0.78
N SER A 30 3.46 2.45 -1.44
CA SER A 30 4.80 2.56 -0.85
C SER A 30 4.73 3.53 0.33
N VAL A 31 4.20 4.75 0.14
CA VAL A 31 4.18 5.76 1.23
C VAL A 31 3.28 5.24 2.36
N GLY A 32 2.22 4.50 2.05
CA GLY A 32 1.40 3.85 3.10
C GLY A 32 2.22 2.95 4.00
N ALA A 33 3.02 2.06 3.40
CA ALA A 33 3.87 1.11 4.14
C ALA A 33 4.83 1.94 5.00
N LEU A 34 5.46 2.95 4.39
CA LEU A 34 6.46 3.80 5.12
C LEU A 34 5.79 4.55 6.26
N GLU A 35 4.57 5.06 6.03
CA GLU A 35 3.83 5.85 7.05
C GLU A 35 3.64 4.98 8.30
N GLY A 36 3.22 3.73 8.09
CA GLY A 36 3.00 2.70 9.13
C GLY A 36 4.22 2.45 9.99
N GLN A 37 5.36 2.24 9.37
CA GLN A 37 6.65 1.99 10.10
C GLN A 37 7.09 3.26 10.83
N LEU A 38 6.83 4.44 10.25
CA LEU A 38 7.21 5.74 10.85
C LEU A 38 6.44 5.92 12.17
N LYS A 39 5.12 5.71 12.13
CA LYS A 39 4.27 5.79 13.34
C LYS A 39 4.76 4.76 14.37
N LYS A 40 5.04 3.51 13.92
CA LYS A 40 5.46 2.37 14.78
C LYS A 40 6.68 2.76 15.63
N LYS A 41 7.55 3.57 15.04
CA LYS A 41 8.93 3.76 15.54
C LYS A 41 9.10 5.16 16.13
N THR A 42 8.14 6.08 15.93
CA THR A 42 8.28 7.49 16.36
C THR A 42 7.03 7.98 17.11
N GLY A 43 5.92 7.25 16.98
CA GLY A 43 4.63 7.73 17.47
C GLY A 43 4.06 8.84 16.60
N LYS A 44 4.80 9.26 15.56
CA LYS A 44 4.40 10.30 14.58
C LYS A 44 3.70 9.67 13.37
N LEU A 45 2.42 9.93 13.20
CA LEU A 45 1.70 9.71 11.93
C LEU A 45 1.79 10.98 11.08
N LEU A 46 2.60 11.01 10.02
CA LEU A 46 2.53 12.13 9.05
C LEU A 46 2.40 11.62 7.60
N ASN A 47 1.82 12.45 6.72
CA ASN A 47 1.67 12.13 5.28
C ASN A 47 3.08 12.25 4.68
N LEU A 48 3.57 11.21 4.02
CA LEU A 48 4.84 11.29 3.24
C LEU A 48 4.48 11.58 1.77
N SER A 49 5.48 11.80 0.91
CA SER A 49 5.31 12.26 -0.49
C SER A 49 5.37 11.11 -1.49
N PRO A 50 4.21 10.68 -2.04
CA PRO A 50 4.21 9.87 -3.26
C PRO A 50 4.79 10.57 -4.49
N GLN A 51 4.65 11.90 -4.55
CA GLN A 51 5.14 12.71 -5.70
C GLN A 51 6.65 12.52 -5.76
N ASN A 52 7.29 12.49 -4.60
CA ASN A 52 8.76 12.35 -4.48
C ASN A 52 9.14 11.03 -5.16
N LEU A 53 8.30 10.01 -5.06
CA LEU A 53 8.62 8.67 -5.61
C LEU A 53 8.27 8.64 -7.10
N VAL A 54 7.08 9.18 -7.44
CA VAL A 54 6.54 9.38 -8.81
C VAL A 54 7.56 10.13 -9.65
N ASP A 55 8.42 10.97 -9.06
CA ASP A 55 9.31 11.89 -9.78
C ASP A 55 10.74 11.35 -9.83
N CYS A 56 11.13 10.53 -8.85
CA CYS A 56 12.54 10.32 -8.49
C CYS A 56 12.89 8.83 -8.55
N VAL A 57 11.91 7.93 -8.59
CA VAL A 57 12.20 6.47 -8.72
C VAL A 57 12.32 6.12 -10.21
N SER A 58 13.48 6.41 -10.80
CA SER A 58 13.77 6.20 -12.25
C SER A 58 13.49 4.75 -12.66
N GLU A 59 13.78 3.76 -11.81
CA GLU A 59 13.45 2.32 -12.04
C GLU A 59 11.94 2.14 -12.31
N ASN A 60 11.09 3.00 -11.77
CA ASN A 60 9.62 2.88 -11.93
C ASN A 60 9.21 3.70 -13.17
N ASP A 61 7.93 3.68 -13.53
CA ASP A 61 7.38 4.43 -14.69
C ASP A 61 6.45 5.57 -14.26
N GLY A 62 6.79 6.24 -13.16
CA GLY A 62 6.03 7.44 -12.77
C GLY A 62 4.55 7.15 -12.78
N CYS A 63 3.78 7.90 -13.56
CA CYS A 63 2.32 7.74 -13.74
C CYS A 63 1.97 6.52 -14.59
N GLY A 64 2.95 5.83 -15.19
CA GLY A 64 2.64 4.62 -15.99
C GLY A 64 2.72 3.33 -15.18
N GLY A 65 2.96 3.42 -13.86
CA GLY A 65 3.06 2.26 -12.95
C GLY A 65 4.47 2.13 -12.42
N GLY A 66 4.69 1.11 -11.58
CA GLY A 66 5.97 0.95 -10.85
C GLY A 66 5.85 -0.13 -9.80
N TYR A 67 6.98 -0.58 -9.27
CA TYR A 67 6.99 -1.59 -8.17
C TYR A 67 7.31 -0.87 -6.87
N MET A 68 6.73 -1.35 -5.78
CA MET A 68 6.94 -0.77 -4.42
C MET A 68 8.36 -1.09 -3.94
N THR A 69 8.88 -2.30 -4.21
CA THR A 69 10.28 -2.69 -3.87
C THR A 69 11.21 -1.61 -4.40
N ASN A 70 11.06 -1.23 -5.67
CA ASN A 70 11.88 -0.15 -6.29
C ASN A 70 11.64 1.16 -5.55
N ALA A 71 10.42 1.41 -5.06
CA ALA A 71 10.16 2.60 -4.21
C ALA A 71 11.04 2.49 -2.96
N PHE A 72 11.01 1.37 -2.23
CA PHE A 72 11.67 1.22 -0.91
C PHE A 72 13.19 1.33 -1.11
N GLN A 73 13.70 0.78 -2.21
CA GLN A 73 15.11 0.88 -2.62
C GLN A 73 15.50 2.34 -2.89
N TYR A 74 14.69 3.12 -3.62
CA TYR A 74 14.99 4.53 -3.90
C TYR A 74 15.21 5.25 -2.57
N VAL A 75 14.27 5.09 -1.62
CA VAL A 75 14.27 5.77 -0.29
C VAL A 75 15.51 5.38 0.51
N GLN A 76 15.87 4.09 0.46
CA GLN A 76 17.10 3.57 1.11
C GLN A 76 18.29 4.31 0.50
N LYS A 77 18.54 4.07 -0.78
CA LYS A 77 19.64 4.65 -1.61
C LYS A 77 19.72 6.16 -1.38
N ASN A 78 18.63 6.86 -1.64
CA ASN A 78 18.47 8.33 -1.52
C ASN A 78 18.73 8.80 -0.07
N ARG A 79 18.57 7.93 0.93
CA ARG A 79 18.83 8.27 2.35
C ARG A 79 17.74 9.23 2.85
N GLY A 80 16.55 9.13 2.28
CA GLY A 80 15.34 9.68 2.90
C GLY A 80 14.25 9.89 1.87
N ILE A 81 13.05 10.24 2.35
CA ILE A 81 11.87 10.65 1.55
C ILE A 81 11.22 11.85 2.21
N ASP A 82 10.61 12.73 1.43
CA ASP A 82 10.01 13.99 1.90
C ASP A 82 8.60 13.74 2.46
N SER A 83 8.17 14.61 3.38
CA SER A 83 6.76 14.73 3.79
C SER A 83 5.90 15.17 2.58
N GLU A 84 4.60 14.87 2.60
CA GLU A 84 3.66 15.43 1.61
C GLU A 84 3.81 16.96 1.63
N ASP A 85 3.92 17.54 2.83
CA ASP A 85 4.11 18.99 3.08
C ASP A 85 5.31 19.49 2.25
N ALA A 86 6.43 18.78 2.32
CA ALA A 86 7.71 19.20 1.72
C ALA A 86 7.71 18.98 0.20
N TYR A 87 6.97 17.98 -0.30
CA TYR A 87 6.91 17.56 -1.73
C TYR A 87 5.48 17.13 -2.05
N PRO A 88 4.58 18.12 -2.24
CA PRO A 88 3.14 17.87 -2.41
C PRO A 88 2.78 17.15 -3.72
N TYR A 89 1.61 16.52 -3.71
CA TYR A 89 1.10 15.72 -4.82
C TYR A 89 0.39 16.62 -5.84
N VAL A 90 0.81 16.46 -7.09
CA VAL A 90 0.37 17.22 -8.29
C VAL A 90 -0.64 16.37 -9.05
N GLY A 91 -0.43 15.05 -9.09
CA GLY A 91 -1.36 14.12 -9.77
C GLY A 91 -0.99 13.99 -11.23
N GLN A 92 0.23 14.39 -11.53
CA GLN A 92 0.90 14.25 -12.85
C GLN A 92 2.39 14.25 -12.56
N GLU A 93 3.17 13.59 -13.42
CA GLU A 93 4.63 13.33 -13.21
C GLU A 93 5.38 14.65 -13.40
N GLU A 94 6.57 14.81 -12.83
CA GLU A 94 7.40 16.04 -12.96
C GLU A 94 8.86 15.69 -12.72
N SER A 95 9.77 16.66 -12.85
CA SER A 95 11.22 16.47 -12.60
C SER A 95 11.45 16.15 -11.12
N CYS A 96 12.40 15.26 -10.81
CA CYS A 96 12.83 14.96 -9.42
C CYS A 96 13.35 16.24 -8.79
N MET A 97 12.72 16.68 -7.70
CA MET A 97 13.12 17.84 -6.86
C MET A 97 13.12 17.40 -5.40
N TYR A 98 13.81 16.30 -5.09
CA TYR A 98 13.95 15.80 -3.71
C TYR A 98 14.58 16.91 -2.87
N ASN A 99 13.83 17.42 -1.88
CA ASN A 99 14.31 18.39 -0.88
C ASN A 99 14.93 17.62 0.29
N PRO A 100 16.27 17.59 0.45
CA PRO A 100 16.87 16.77 1.50
C PRO A 100 16.48 17.29 2.89
N THR A 101 16.32 18.60 3.03
CA THR A 101 16.03 19.26 4.33
C THR A 101 14.59 18.95 4.76
N GLY A 102 13.74 18.45 3.86
CA GLY A 102 12.36 18.08 4.17
C GLY A 102 12.18 16.57 4.35
N LYS A 103 13.27 15.83 4.51
CA LYS A 103 13.20 14.34 4.63
C LYS A 103 12.44 14.01 5.91
N ALA A 104 11.42 13.17 5.82
CA ALA A 104 10.51 12.85 6.95
C ALA A 104 10.58 11.34 7.28
N ALA A 105 11.38 10.53 6.58
CA ALA A 105 11.58 9.10 6.89
C ALA A 105 12.77 8.56 6.11
N LYS A 106 13.30 7.43 6.59
CA LYS A 106 14.41 6.68 5.94
C LYS A 106 14.01 5.20 5.84
N CYS A 107 14.87 4.43 5.18
CA CYS A 107 14.60 3.03 4.81
C CYS A 107 15.91 2.26 4.74
N ARG A 108 16.02 1.13 5.44
CA ARG A 108 17.14 0.16 5.34
C ARG A 108 16.80 -0.94 4.32
N GLY A 109 15.92 -0.67 3.36
CA GLY A 109 15.57 -1.65 2.32
C GLY A 109 14.21 -2.26 2.57
N TYR A 110 13.99 -3.49 2.15
CA TYR A 110 12.63 -4.08 2.18
C TYR A 110 12.69 -5.60 2.20
N ARG A 111 11.60 -6.24 2.62
CA ARG A 111 11.40 -7.70 2.51
C ARG A 111 10.14 -7.96 1.66
N GLU A 112 10.15 -9.00 0.84
CA GLU A 112 8.98 -9.44 0.04
C GLU A 112 8.32 -10.56 0.82
N ILE A 113 7.02 -10.79 0.63
CA ILE A 113 6.30 -11.97 1.14
C ILE A 113 6.51 -13.09 0.13
N PRO A 114 6.86 -14.35 0.52
CA PRO A 114 6.88 -15.45 -0.44
C PRO A 114 5.62 -15.40 -1.30
N GLU A 115 5.79 -15.54 -2.61
CA GLU A 115 4.70 -15.42 -3.60
C GLU A 115 3.53 -16.33 -3.19
N GLY A 116 2.30 -15.81 -3.22
CA GLY A 116 1.08 -16.61 -3.01
C GLY A 116 0.82 -16.98 -1.56
N ASN A 117 1.71 -16.64 -0.61
CA ASN A 117 1.58 -17.12 0.79
C ASN A 117 0.76 -16.15 1.66
N GLU A 118 -0.52 -16.43 1.85
CA GLU A 118 -1.41 -15.55 2.62
C GLU A 118 -1.11 -15.59 4.13
N LYS A 119 -0.75 -16.75 4.66
CA LYS A 119 -0.33 -16.94 6.08
C LYS A 119 0.90 -16.08 6.42
N ALA A 120 1.91 -16.11 5.58
CA ALA A 120 3.11 -15.25 5.70
C ALA A 120 2.71 -13.76 5.61
N LEU A 121 1.81 -13.40 4.69
CA LEU A 121 1.42 -11.99 4.54
C LEU A 121 0.72 -11.57 5.82
N LYS A 122 -0.14 -12.46 6.34
CA LYS A 122 -0.83 -12.23 7.63
C LYS A 122 0.21 -11.99 8.72
N ARG A 123 1.25 -12.82 8.83
CA ARG A 123 2.23 -12.70 9.94
CA ARG A 123 2.28 -12.72 9.90
C ARG A 123 2.97 -11.36 9.77
N ALA A 124 3.20 -10.98 8.51
CA ALA A 124 3.96 -9.76 8.18
C ALA A 124 3.15 -8.59 8.67
N VAL A 125 1.83 -8.64 8.49
CA VAL A 125 0.94 -7.55 8.93
C VAL A 125 0.95 -7.53 10.47
N ALA A 126 0.77 -8.69 11.09
CA ALA A 126 0.78 -8.84 12.57
C ALA A 126 2.09 -8.29 13.15
N ARG A 127 3.22 -8.61 12.55
CA ARG A 127 4.58 -8.38 13.12
C ARG A 127 5.14 -7.00 12.81
N VAL A 128 4.94 -6.50 11.59
CA VAL A 128 5.69 -5.33 11.04
C VAL A 128 4.75 -4.12 11.03
N GLY A 129 3.62 -4.29 10.38
CA GLY A 129 2.61 -3.23 10.20
C GLY A 129 2.03 -3.29 8.80
N PRO A 130 1.36 -2.21 8.34
CA PRO A 130 0.83 -2.14 6.98
C PRO A 130 1.82 -2.63 5.92
N VAL A 131 1.33 -3.44 4.98
CA VAL A 131 2.12 -4.12 3.91
C VAL A 131 1.61 -3.67 2.53
N SER A 132 2.53 -3.24 1.65
CA SER A 132 2.27 -2.90 0.22
C SER A 132 1.92 -4.19 -0.53
N VAL A 133 0.71 -4.26 -1.07
CA VAL A 133 0.28 -5.44 -1.87
C VAL A 133 -0.20 -4.95 -3.22
N ALA A 134 -0.17 -5.86 -4.19
CA ALA A 134 -0.69 -5.61 -5.55
C ALA A 134 -1.74 -6.67 -5.83
N ILE A 135 -2.73 -6.32 -6.65
CA ILE A 135 -3.93 -7.14 -6.93
C ILE A 135 -4.35 -6.93 -8.38
N ASP A 136 -5.24 -7.78 -8.85
CA ASP A 136 -6.04 -7.48 -10.05
C ASP A 136 -7.25 -6.65 -9.61
N ALA A 137 -7.32 -5.38 -9.98
CA ALA A 137 -8.45 -4.47 -9.66
C ALA A 137 -9.25 -4.13 -10.92
N SER A 138 -9.16 -4.96 -11.97
CA SER A 138 -9.74 -4.66 -13.30
C SER A 138 -11.20 -5.12 -13.45
N LEU A 139 -11.74 -5.88 -12.49
CA LEU A 139 -13.15 -6.36 -12.58
C LEU A 139 -14.08 -5.21 -12.23
N THR A 140 -15.27 -5.19 -12.83
CA THR A 140 -16.36 -4.25 -12.47
C THR A 140 -16.81 -4.53 -11.04
N SER A 141 -16.81 -5.78 -10.60
CA SER A 141 -17.24 -6.15 -9.22
C SER A 141 -16.35 -5.44 -8.19
N PHE A 142 -15.05 -5.35 -8.46
CA PHE A 142 -14.10 -4.57 -7.64
C PHE A 142 -14.42 -3.07 -7.74
N GLN A 143 -14.46 -2.56 -8.98
CA GLN A 143 -14.54 -1.09 -9.23
C GLN A 143 -15.79 -0.52 -8.55
N PHE A 144 -16.80 -1.37 -8.36
CA PHE A 144 -18.12 -0.97 -7.80
C PHE A 144 -18.38 -1.79 -6.54
N TYR A 145 -17.35 -1.96 -5.70
CA TYR A 145 -17.49 -2.53 -4.34
C TYR A 145 -18.17 -1.49 -3.42
N SER A 146 -19.13 -1.94 -2.62
CA SER A 146 -19.82 -1.15 -1.55
C SER A 146 -19.49 -1.72 -0.17
N LYS A 147 -19.63 -3.02 -0.01
CA LYS A 147 -19.62 -3.66 1.33
C LYS A 147 -19.43 -5.16 1.16
N GLY A 148 -19.05 -5.82 2.24
CA GLY A 148 -18.82 -7.27 2.30
C GLY A 148 -17.35 -7.62 2.25
N VAL A 149 -17.10 -8.92 2.24
CA VAL A 149 -15.78 -9.53 1.96
C VAL A 149 -15.78 -9.74 0.46
N TYR A 150 -15.02 -8.96 -0.30
CA TYR A 150 -15.05 -9.01 -1.78
C TYR A 150 -14.39 -10.32 -2.24
N TYR A 151 -15.08 -10.94 -3.18
CA TYR A 151 -14.63 -12.21 -3.80
C TYR A 151 -15.27 -12.35 -5.18
N ASP A 152 -14.42 -12.52 -6.20
CA ASP A 152 -14.84 -12.73 -7.60
C ASP A 152 -13.89 -13.77 -8.22
N GLU A 153 -14.41 -14.93 -8.61
CA GLU A 153 -13.62 -16.08 -9.16
C GLU A 153 -13.10 -15.69 -10.57
N SER A 154 -13.62 -14.60 -11.15
CA SER A 154 -13.07 -13.96 -12.37
C SER A 154 -11.77 -13.21 -12.10
N CYS A 155 -11.42 -12.95 -10.84
CA CYS A 155 -10.18 -12.21 -10.47
C CYS A 155 -8.98 -13.09 -10.84
N ASN A 156 -8.03 -12.56 -11.62
CA ASN A 156 -6.83 -13.28 -12.12
C ASN A 156 -5.61 -12.93 -11.26
N SER A 157 -5.18 -13.84 -10.39
CA SER A 157 -4.01 -13.66 -9.48
C SER A 157 -2.72 -13.41 -10.27
N ASP A 158 -2.73 -13.64 -11.58
CA ASP A 158 -1.51 -13.62 -12.43
C ASP A 158 -1.54 -12.36 -13.29
N ASN A 159 -2.58 -11.55 -13.13
CA ASN A 159 -2.78 -10.25 -13.82
C ASN A 159 -2.79 -9.11 -12.78
N LEU A 160 -1.67 -8.85 -12.12
CA LEU A 160 -1.59 -7.71 -11.16
C LEU A 160 -1.61 -6.40 -11.93
N ASN A 161 -2.50 -5.47 -11.59
CA ASN A 161 -2.58 -4.16 -12.30
C ASN A 161 -2.69 -2.99 -11.32
N HIS A 162 -2.71 -3.22 -10.01
CA HIS A 162 -3.00 -2.15 -9.03
C HIS A 162 -2.31 -2.44 -7.69
N ALA A 163 -1.72 -1.39 -7.10
CA ALA A 163 -1.02 -1.38 -5.80
C ALA A 163 -1.90 -0.70 -4.73
N VAL A 164 -1.95 -1.32 -3.56
CA VAL A 164 -2.81 -0.97 -2.40
C VAL A 164 -2.02 -1.35 -1.14
N LEU A 165 -2.67 -1.33 0.00
CA LEU A 165 -2.01 -1.47 1.31
C LEU A 165 -2.96 -2.26 2.21
N ALA A 166 -2.49 -3.39 2.70
CA ALA A 166 -3.19 -4.20 3.71
C ALA A 166 -2.88 -3.57 5.07
N VAL A 167 -3.87 -2.93 5.69
CA VAL A 167 -3.62 -2.19 6.96
C VAL A 167 -4.07 -3.09 8.10
N GLY A 168 -4.59 -4.24 7.75
CA GLY A 168 -4.90 -5.28 8.72
C GLY A 168 -5.67 -6.40 8.07
N TYR A 169 -6.21 -7.24 8.93
CA TYR A 169 -6.95 -8.46 8.55
C TYR A 169 -7.88 -8.76 9.71
N GLY A 170 -8.99 -9.42 9.43
CA GLY A 170 -9.81 -10.02 10.47
C GLY A 170 -10.83 -10.95 9.85
N ILE A 171 -12.06 -10.88 10.35
CA ILE A 171 -13.14 -11.83 9.96
C ILE A 171 -14.47 -11.21 10.39
N GLN A 172 -15.37 -11.03 9.44
CA GLN A 172 -16.69 -10.40 9.70
C GLN A 172 -17.77 -11.39 9.30
N LYS A 173 -18.54 -11.87 10.27
CA LYS A 173 -19.61 -12.87 10.03
C LYS A 173 -18.95 -14.11 9.42
N GLY A 174 -17.87 -14.60 10.04
CA GLY A 174 -17.12 -15.82 9.69
C GLY A 174 -16.34 -15.74 8.38
N ASN A 175 -16.42 -14.64 7.64
CA ASN A 175 -15.65 -14.51 6.37
C ASN A 175 -14.32 -13.85 6.68
N LYS A 176 -13.20 -14.54 6.37
CA LYS A 176 -11.84 -14.02 6.66
C LYS A 176 -11.51 -12.94 5.63
N HIS A 177 -10.84 -11.85 6.03
CA HIS A 177 -10.57 -10.75 5.09
C HIS A 177 -9.24 -10.05 5.36
N TRP A 178 -8.83 -9.31 4.33
CA TRP A 178 -7.76 -8.28 4.35
C TRP A 178 -8.46 -6.95 4.42
N ILE A 179 -8.00 -6.08 5.31
CA ILE A 179 -8.41 -4.66 5.33
C ILE A 179 -7.48 -3.92 4.38
N ILE A 180 -8.02 -3.53 3.23
CA ILE A 180 -7.27 -2.88 2.13
C ILE A 180 -7.72 -1.42 2.01
N LYS A 181 -6.74 -0.53 2.25
CA LYS A 181 -6.76 0.91 1.94
C LYS A 181 -6.42 1.16 0.45
N ASN A 182 -7.37 1.72 -0.31
CA ASN A 182 -7.22 2.05 -1.77
C ASN A 182 -6.73 3.50 -1.88
N SER A 183 -6.31 3.97 -3.06
CA SER A 183 -5.83 5.37 -3.26
C SER A 183 -6.66 6.04 -4.38
N TRP A 184 -7.94 5.70 -4.43
CA TRP A 184 -8.99 6.34 -5.25
C TRP A 184 -9.92 7.19 -4.40
N GLY A 185 -9.44 7.80 -3.30
CA GLY A 185 -10.23 8.71 -2.43
C GLY A 185 -11.28 7.99 -1.60
N GLU A 186 -11.97 8.73 -0.73
CA GLU A 186 -12.96 8.16 0.22
C GLU A 186 -14.27 7.79 -0.48
N ASN A 187 -14.49 8.26 -1.71
CA ASN A 187 -15.84 8.13 -2.35
C ASN A 187 -15.90 6.81 -3.14
N TRP A 188 -14.78 6.09 -3.22
CA TRP A 188 -14.73 4.71 -3.77
C TRP A 188 -14.96 3.71 -2.63
N GLY A 189 -15.52 2.53 -2.97
CA GLY A 189 -15.59 1.36 -2.07
C GLY A 189 -16.27 1.72 -0.75
N ASN A 190 -15.61 1.44 0.36
CA ASN A 190 -16.17 1.60 1.72
C ASN A 190 -15.33 2.64 2.46
N LYS A 191 -15.57 3.93 2.20
CA LYS A 191 -14.80 5.06 2.80
C LYS A 191 -13.35 5.07 2.29
N GLY A 192 -13.13 4.60 1.05
CA GLY A 192 -11.79 4.48 0.42
C GLY A 192 -11.14 3.13 0.67
N TYR A 193 -11.86 2.20 1.32
CA TYR A 193 -11.34 0.88 1.76
C TYR A 193 -12.15 -0.26 1.13
N ILE A 194 -11.53 -1.42 1.03
CA ILE A 194 -12.22 -2.69 0.69
C ILE A 194 -11.71 -3.78 1.64
N LEU A 195 -12.58 -4.70 2.01
CA LEU A 195 -12.22 -6.01 2.60
C LEU A 195 -12.24 -7.04 1.48
N MET A 196 -11.12 -7.71 1.31
CA MET A 196 -10.93 -8.71 0.23
C MET A 196 -10.80 -10.08 0.89
N ALA A 197 -11.28 -11.15 0.23
CA ALA A 197 -11.26 -12.51 0.82
C ALA A 197 -9.85 -12.90 1.21
N ARG A 198 -9.72 -13.47 2.40
CA ARG A 198 -8.44 -13.95 2.91
C ARG A 198 -8.57 -15.46 3.02
N ASN A 199 -7.49 -16.17 2.73
CA ASN A 199 -7.42 -17.65 2.80
C ASN A 199 -8.52 -18.17 1.87
N LYS A 200 -8.73 -17.55 0.70
CA LYS A 200 -9.57 -18.13 -0.40
C LYS A 200 -8.66 -18.32 -1.64
N ASN A 201 -7.57 -19.06 -1.45
CA ASN A 201 -6.59 -19.45 -2.51
C ASN A 201 -6.03 -18.20 -3.22
N ASN A 202 -5.54 -17.23 -2.45
CA ASN A 202 -4.74 -16.09 -3.00
C ASN A 202 -5.63 -15.28 -3.95
N ALA A 203 -6.86 -14.96 -3.54
CA ALA A 203 -7.89 -14.24 -4.33
C ALA A 203 -7.32 -12.93 -4.84
N CYS A 204 -7.40 -12.71 -6.17
CA CYS A 204 -6.94 -11.46 -6.87
C CYS A 204 -5.44 -11.26 -6.69
N GLY A 205 -4.67 -12.30 -6.35
CA GLY A 205 -3.20 -12.21 -6.26
C GLY A 205 -2.75 -11.34 -5.11
N ILE A 206 -3.57 -11.26 -4.06
CA ILE A 206 -3.31 -10.42 -2.87
C ILE A 206 -1.90 -10.68 -2.29
N ALA A 207 -1.31 -11.88 -2.43
CA ALA A 207 0.00 -12.20 -1.82
C ALA A 207 1.10 -12.44 -2.88
N ASN A 208 0.89 -11.99 -4.13
CA ASN A 208 1.80 -12.29 -5.26
C ASN A 208 2.92 -11.23 -5.34
N LEU A 209 2.72 -10.03 -4.80
CA LEU A 209 3.71 -8.91 -4.89
C LEU A 209 3.55 -8.00 -3.66
N ALA A 210 3.71 -8.62 -2.49
CA ALA A 210 3.56 -8.04 -1.15
C ALA A 210 4.95 -7.69 -0.63
N SER A 211 5.15 -6.50 -0.09
CA SER A 211 6.48 -6.07 0.41
C SER A 211 6.31 -5.01 1.48
N PHE A 212 7.34 -4.82 2.32
CA PHE A 212 7.31 -3.84 3.43
C PHE A 212 8.69 -3.21 3.57
N PRO A 213 8.75 -1.93 3.97
CA PRO A 213 10.04 -1.27 4.12
C PRO A 213 10.72 -1.82 5.39
N LYS A 214 12.05 -1.92 5.37
CA LYS A 214 12.87 -1.99 6.61
C LYS A 214 13.19 -0.56 7.04
N MET A 215 12.97 -0.28 8.33
CA MET A 215 12.91 1.05 8.97
C MET A 215 13.96 1.10 10.10
#